data_8S5A
#
_entry.id   8S5A
#
_cell.length_a   91.626
_cell.length_b   100.547
_cell.length_c   112.879
_cell.angle_alpha   90.000
_cell.angle_beta   90.000
_cell.angle_gamma   90.000
#
_symmetry.space_group_name_H-M   'P 21 21 21'
#
loop_
_entity.id
_entity.type
_entity.pdbx_description
1 polymer 'Fanconi-associated nuclease 1'
2 polymer "DNA (5'-D(*AP*AP*CP*AP*CP*GP*CP*CP*TP*AP*GP*AP*CP*TP*CP*CP*TP*CP*A)-3')"
3 polymer "DNA (5'-D(P*GP*AP*GP*GP*CP*GP*TP*G)-3')"
4 polymer "DNA (5'-D(*TP*TP*TP*GP*AP*GP*GP*AP*GP*TP*CP*TP*T)-3')"
5 non-polymer 'CALCIUM ION'
6 non-polymer 'CHLORIDE ION'
7 water water
#
loop_
_entity_poly.entity_id
_entity_poly.type
_entity_poly.pdbx_seq_one_letter_code
_entity_poly.pdbx_strand_id
1 'polypeptide(L)'
;GPMGAHMTRNGPGQTTGHPYYLRSFLVVLKTVLENEDDMLLFDEQEKGIVTKFYQLSATGQKLYVRLFQRKLSWIKMTKL
EYEEIALDLTPVIEELTNAGFLQTESELQELSEVLELLSAPELKSLAKTFHLVNPNGQKQQLVDAFLKLAKQHSVIGAVI
LKRAKALAGQSVRICKGPRAVFSRILLLFSLTDSMEDEDAACGGQGQLSTVLLVNLGRMEFPSYTINRKTHIFQDRDDLI
RYAAATHMLSDISSAMANGNWEEAKELAQCAKRDWNRLKNHPSLRCHEDLPLFLRCFTVGWIYTRILSRFVEILQRLHMY
EEAVRELESLLSQRIYCPDSRGRWWDRLALNLHQHLKRLEPTIKCITEGLADPEVRTGHRLSLYQRAVRLRESPSCKKFK
HLFQQLPEMAVQDVKHVTITGRLCPQRGMCASVFVMEAGEAADPTTVLCSVEELALAHYRRSGFDQGIHGEGSTFSTLYG
LLLWDIIFMDGIPDVFRNACQAFPLDLCTDSFFTSRRPALEARLQLIHDAPEESLRAWVAATWHEQEGRVASLVSWDRFT
SLQQAQDLVSCLGGPVLSGVCRHLAADFRHCRGGLPDLVVWNSQSRHFKLVEVKGPNDRLSHKQMIWLAELQKLGAEVEV
CHVVAVGAKSQSLS
;
A
2 'polydeoxyribonucleotide' (DA)(DA)(DC)(DA)(DC)(DG)(DC)(DC)(DT)(DA)(DG)(DA)(DC)(DT)(DC)(DC)(DT)(DC)(DA) B
3 'polydeoxyribonucleotide' (DG)(DA)(DG)(DG)(DC)(DG)(DT)(DG) C
4 'polydeoxyribonucleotide' (DT)(DT)(DT)(DG)(DA)(DG)(DG)(DA)(DG)(DT)(DC)(DT)(DT)(DT)(DT)(DT) D
#
loop_
_chem_comp.id
_chem_comp.type
_chem_comp.name
_chem_comp.formula
CA non-polymer 'CALCIUM ION' 'Ca 2'
CL non-polymer 'CHLORIDE ION' 'Cl -1'
DA DNA linking 2'-DEOXYADENOSINE-5'-MONOPHOSPHATE 'C10 H14 N5 O6 P'
DC DNA linking 2'-DEOXYCYTIDINE-5'-MONOPHOSPHATE 'C9 H14 N3 O7 P'
DG DNA linking 2'-DEOXYGUANOSINE-5'-MONOPHOSPHATE 'C10 H14 N5 O7 P'
DT DNA linking THYMIDINE-5'-MONOPHOSPHATE 'C10 H15 N2 O8 P'
#
# COMPACT_ATOMS: atom_id res chain seq x y z
N HIS A 18 -13.22 13.23 -22.70
CA HIS A 18 -13.13 13.24 -21.20
C HIS A 18 -11.67 13.34 -20.76
N PRO A 19 -11.30 14.30 -19.87
CA PRO A 19 -9.91 14.41 -19.40
C PRO A 19 -9.61 13.38 -18.30
N TYR A 20 -8.33 13.20 -17.99
CA TYR A 20 -7.78 12.07 -17.18
C TYR A 20 -8.53 11.95 -15.84
N TYR A 21 -8.80 13.09 -15.20
CA TYR A 21 -9.35 13.16 -13.82
C TYR A 21 -10.79 12.63 -13.81
N LEU A 22 -11.61 12.93 -14.83
CA LEU A 22 -13.01 12.46 -14.92
C LEU A 22 -13.05 11.00 -15.39
N ARG A 23 -12.18 10.61 -16.32
CA ARG A 23 -12.02 9.22 -16.82
C ARG A 23 -11.82 8.28 -15.63
N SER A 24 -10.80 8.57 -14.81
CA SER A 24 -10.42 7.81 -13.59
C SER A 24 -11.61 7.74 -12.62
N PHE A 25 -12.36 8.83 -12.46
CA PHE A 25 -13.51 8.94 -11.53
C PHE A 25 -14.66 8.06 -12.00
N LEU A 26 -14.96 8.06 -13.31
CA LEU A 26 -16.10 7.28 -13.90
C LEU A 26 -15.83 5.78 -13.81
N VAL A 27 -14.56 5.36 -13.98
CA VAL A 27 -14.10 3.96 -13.79
C VAL A 27 -14.40 3.52 -12.34
N VAL A 28 -13.93 4.32 -11.37
CA VAL A 28 -14.12 4.06 -9.91
C VAL A 28 -15.60 3.83 -9.65
N LEU A 29 -16.47 4.75 -10.11
CA LEU A 29 -17.94 4.69 -9.92
C LEU A 29 -18.48 3.39 -10.50
N LYS A 30 -18.35 3.20 -11.82
CA LYS A 30 -18.90 2.03 -12.55
C LYS A 30 -18.51 0.73 -11.84
N THR A 31 -17.23 0.60 -11.44
CA THR A 31 -16.63 -0.61 -10.83
C THR A 31 -17.36 -0.98 -9.54
N VAL A 32 -17.71 0.02 -8.71
CA VAL A 32 -18.33 -0.19 -7.37
C VAL A 32 -19.86 -0.37 -7.52
N LEU A 33 -20.51 0.36 -8.43
CA LEU A 33 -21.99 0.35 -8.60
C LEU A 33 -22.47 -1.01 -9.12
N GLU A 34 -21.77 -1.60 -10.09
CA GLU A 34 -22.15 -2.91 -10.68
C GLU A 34 -22.02 -4.03 -9.64
N ASN A 35 -21.42 -3.75 -8.47
CA ASN A 35 -21.23 -4.71 -7.34
C ASN A 35 -22.44 -4.62 -6.39
N GLU A 36 -23.46 -5.44 -6.64
CA GLU A 36 -24.74 -5.48 -5.88
C GLU A 36 -24.48 -5.44 -4.37
N ASP A 37 -23.60 -6.33 -3.88
CA ASP A 37 -23.33 -6.55 -2.43
C ASP A 37 -22.68 -5.30 -1.81
N ASP A 38 -21.81 -4.60 -2.54
CA ASP A 38 -21.20 -3.31 -2.08
C ASP A 38 -22.29 -2.24 -1.97
N MET A 39 -23.28 -2.25 -2.86
CA MET A 39 -24.34 -1.21 -2.92
C MET A 39 -25.38 -1.40 -1.80
N LEU A 40 -25.38 -2.55 -1.11
CA LEU A 40 -26.16 -2.76 0.16
C LEU A 40 -25.75 -1.75 1.23
N LEU A 41 -24.55 -1.16 1.12
CA LEU A 41 -23.94 -0.26 2.13
C LEU A 41 -24.27 1.21 1.83
N PHE A 42 -25.34 1.47 1.07
CA PHE A 42 -25.81 2.84 0.70
C PHE A 42 -27.34 2.89 0.81
N ASP A 43 -27.87 3.88 1.55
CA ASP A 43 -29.33 4.15 1.64
C ASP A 43 -29.79 4.68 0.27
N GLU A 44 -31.10 4.64 0.00
CA GLU A 44 -31.71 4.94 -1.33
C GLU A 44 -31.47 6.42 -1.71
N GLN A 45 -31.31 7.31 -0.72
CA GLN A 45 -30.99 8.75 -0.95
C GLN A 45 -29.58 8.88 -1.52
N GLU A 46 -28.61 8.16 -0.93
CA GLU A 46 -27.17 8.15 -1.35
C GLU A 46 -27.06 7.63 -2.79
N LYS A 47 -27.77 6.55 -3.13
CA LYS A 47 -27.85 5.99 -4.51
C LYS A 47 -28.43 7.06 -5.46
N GLY A 48 -29.37 7.88 -4.96
CA GLY A 48 -29.97 9.02 -5.68
C GLY A 48 -28.92 10.06 -6.08
N ILE A 49 -27.99 10.37 -5.17
CA ILE A 49 -26.88 11.35 -5.40
C ILE A 49 -25.97 10.83 -6.51
N VAL A 50 -25.76 9.52 -6.60
CA VAL A 50 -24.94 8.91 -7.69
C VAL A 50 -25.72 9.05 -9.00
N THR A 51 -27.02 8.72 -8.99
CA THR A 51 -27.94 8.91 -10.15
C THR A 51 -27.94 10.39 -10.58
N LYS A 52 -27.98 11.32 -9.62
CA LYS A 52 -27.92 12.80 -9.87
C LYS A 52 -26.62 13.18 -10.59
N PHE A 53 -25.49 12.55 -10.25
CA PHE A 53 -24.17 12.82 -10.86
C PHE A 53 -24.16 12.42 -12.34
N TYR A 54 -24.74 11.26 -12.68
CA TYR A 54 -24.82 10.75 -14.07
C TYR A 54 -25.80 11.59 -14.90
N GLN A 55 -26.76 12.26 -14.26
CA GLN A 55 -27.72 13.19 -14.91
C GLN A 55 -27.06 14.55 -15.18
N LEU A 56 -25.90 14.85 -14.57
CA LEU A 56 -25.10 16.07 -14.87
C LEU A 56 -24.53 15.97 -16.30
N SER A 57 -24.26 17.12 -16.91
CA SER A 57 -23.48 17.27 -18.17
C SER A 57 -22.03 16.88 -17.90
N ALA A 58 -21.27 16.60 -18.97
CA ALA A 58 -19.82 16.31 -18.93
C ALA A 58 -19.11 17.42 -18.13
N THR A 59 -19.38 18.68 -18.45
CA THR A 59 -18.74 19.88 -17.85
C THR A 59 -19.09 19.96 -16.34
N GLY A 60 -20.33 19.66 -15.96
CA GLY A 60 -20.76 19.56 -14.55
C GLY A 60 -19.92 18.51 -13.81
N GLN A 61 -19.85 17.31 -14.37
CA GLN A 61 -19.05 16.17 -13.83
C GLN A 61 -17.58 16.60 -13.75
N LYS A 62 -17.01 17.10 -14.85
CA LYS A 62 -15.61 17.62 -14.93
C LYS A 62 -15.36 18.54 -13.74
N LEU A 63 -16.21 19.55 -13.54
CA LEU A 63 -15.98 20.62 -12.53
C LEU A 63 -16.09 20.04 -11.11
N TYR A 64 -17.12 19.24 -10.84
CA TYR A 64 -17.34 18.59 -9.52
C TYR A 64 -16.10 17.79 -9.13
N VAL A 65 -15.52 17.02 -10.06
CA VAL A 65 -14.33 16.16 -9.81
C VAL A 65 -13.14 17.06 -9.45
N ARG A 66 -12.95 18.16 -10.19
CA ARG A 66 -11.86 19.15 -9.92
C ARG A 66 -11.98 19.65 -8.48
N LEU A 67 -13.20 19.98 -8.04
CA LEU A 67 -13.47 20.50 -6.67
C LEU A 67 -13.39 19.36 -5.65
N PHE A 68 -13.88 18.16 -5.99
CA PHE A 68 -13.81 16.94 -5.12
C PHE A 68 -12.36 16.64 -4.76
N GLN A 69 -11.43 16.78 -5.73
CA GLN A 69 -9.98 16.48 -5.55
C GLN A 69 -9.29 17.56 -4.69
N ARG A 70 -9.93 18.71 -4.48
CA ARG A 70 -9.35 19.84 -3.71
C ARG A 70 -9.85 19.80 -2.25
N LYS A 71 -9.19 20.56 -1.39
CA LYS A 71 -9.45 20.60 0.09
C LYS A 71 -10.91 21.00 0.31
N LEU A 72 -11.60 20.33 1.24
CA LEU A 72 -13.01 20.63 1.59
C LEU A 72 -13.05 21.95 2.36
N SER A 73 -13.28 23.04 1.63
CA SER A 73 -13.19 24.45 2.11
C SER A 73 -13.86 25.38 1.09
N TRP A 74 -14.26 26.58 1.53
CA TRP A 74 -14.80 27.64 0.64
C TRP A 74 -13.70 28.09 -0.33
N ILE A 75 -14.05 28.27 -1.60
CA ILE A 75 -13.12 28.71 -2.69
C ILE A 75 -13.72 29.94 -3.38
N LYS A 76 -12.93 31.01 -3.53
CA LYS A 76 -13.32 32.22 -4.29
C LYS A 76 -13.35 31.88 -5.79
N MET A 77 -14.40 32.31 -6.49
CA MET A 77 -14.56 32.14 -7.96
C MET A 77 -13.44 32.87 -8.71
N THR A 78 -12.84 33.89 -8.08
CA THR A 78 -11.52 34.48 -8.45
C THR A 78 -10.54 33.36 -8.79
N LYS A 79 -10.33 32.44 -7.85
CA LYS A 79 -9.27 31.39 -7.89
C LYS A 79 -9.68 30.19 -8.75
N LEU A 80 -10.96 30.04 -9.11
CA LEU A 80 -11.45 28.94 -9.99
C LEU A 80 -11.16 29.28 -11.46
N GLU A 81 -10.07 28.72 -12.00
CA GLU A 81 -9.77 28.68 -13.45
C GLU A 81 -9.73 27.21 -13.89
N TYR A 82 -10.49 26.85 -14.93
CA TYR A 82 -10.44 25.53 -15.61
C TYR A 82 -10.74 25.75 -17.11
N GLU A 83 -9.68 26.00 -17.90
CA GLU A 83 -9.76 26.30 -19.36
C GLU A 83 -10.46 25.16 -20.10
N GLU A 84 -10.11 23.90 -19.78
CA GLU A 84 -10.57 22.68 -20.50
C GLU A 84 -12.04 22.35 -20.19
N ILE A 85 -12.65 23.01 -19.19
CA ILE A 85 -14.09 22.82 -18.82
C ILE A 85 -14.92 23.89 -19.54
N ALA A 86 -14.62 25.17 -19.28
CA ALA A 86 -15.32 26.35 -19.85
C ALA A 86 -14.54 27.63 -19.51
N LEU A 87 -14.76 28.70 -20.29
CA LEU A 87 -14.08 30.02 -20.11
C LEU A 87 -14.63 30.72 -18.86
N ASP A 88 -15.96 30.65 -18.63
CA ASP A 88 -16.63 31.09 -17.38
C ASP A 88 -17.49 29.94 -16.84
N LEU A 89 -17.30 29.58 -15.57
CA LEU A 89 -17.87 28.37 -14.91
C LEU A 89 -19.20 28.68 -14.23
N THR A 90 -19.80 29.85 -14.50
CA THR A 90 -21.04 30.35 -13.84
C THR A 90 -22.20 29.39 -14.10
N PRO A 91 -22.54 29.02 -15.36
CA PRO A 91 -23.61 28.05 -15.60
C PRO A 91 -23.28 26.63 -15.11
N VAL A 92 -22.01 26.27 -15.07
CA VAL A 92 -21.50 24.91 -14.66
C VAL A 92 -21.72 24.78 -13.15
N ILE A 93 -21.31 25.80 -12.39
CA ILE A 93 -21.54 25.91 -10.91
C ILE A 93 -23.05 25.84 -10.64
N GLU A 94 -23.85 26.57 -11.45
CA GLU A 94 -25.33 26.70 -11.27
C GLU A 94 -26.00 25.33 -11.41
N GLU A 95 -25.58 24.52 -12.39
CA GLU A 95 -26.04 23.11 -12.58
C GLU A 95 -25.76 22.30 -11.31
N LEU A 96 -24.50 22.35 -10.82
CA LEU A 96 -24.05 21.63 -9.60
C LEU A 96 -24.76 22.17 -8.37
N THR A 97 -25.12 23.46 -8.36
CA THR A 97 -25.91 24.12 -7.29
C THR A 97 -27.31 23.50 -7.24
N ASN A 98 -28.01 23.48 -8.39
CA ASN A 98 -29.37 22.91 -8.56
C ASN A 98 -29.38 21.45 -8.09
N ALA A 99 -28.44 20.65 -8.61
CA ALA A 99 -28.27 19.20 -8.32
C ALA A 99 -28.03 18.96 -6.83
N GLY A 100 -27.47 19.94 -6.12
CA GLY A 100 -27.24 19.91 -4.65
C GLY A 100 -25.87 19.38 -4.29
N PHE A 101 -24.89 19.52 -5.19
CA PHE A 101 -23.47 19.07 -5.04
C PHE A 101 -22.60 20.20 -4.49
N LEU A 102 -23.07 21.45 -4.58
CA LEU A 102 -22.20 22.65 -4.55
C LEU A 102 -22.97 23.89 -4.03
N GLN A 103 -22.60 24.36 -2.83
CA GLN A 103 -23.15 25.59 -2.18
C GLN A 103 -22.57 26.85 -2.85
N THR A 104 -23.16 28.01 -2.58
CA THR A 104 -22.74 29.36 -3.08
C THR A 104 -22.66 30.36 -1.92
N GLU A 105 -22.26 31.60 -2.23
CA GLU A 105 -22.28 32.81 -1.34
C GLU A 105 -23.41 32.73 -0.30
N SER A 106 -24.65 32.57 -0.76
CA SER A 106 -25.91 32.65 0.04
C SER A 106 -25.92 31.63 1.19
N GLU A 107 -25.22 30.50 1.03
CA GLU A 107 -25.12 29.41 2.05
C GLU A 107 -24.01 29.71 3.05
N LEU A 108 -23.00 30.52 2.66
CA LEU A 108 -21.86 30.90 3.53
C LEU A 108 -22.36 31.85 4.62
N GLN A 109 -22.51 31.33 5.86
CA GLN A 109 -23.16 32.06 6.98
C GLN A 109 -22.30 32.06 8.25
N GLU A 110 -21.54 30.99 8.52
CA GLU A 110 -20.63 30.91 9.70
C GLU A 110 -19.50 31.93 9.52
N LEU A 111 -19.27 32.79 10.54
CA LEU A 111 -18.35 33.95 10.45
C LEU A 111 -16.90 33.46 10.34
N SER A 112 -16.52 32.48 11.17
CA SER A 112 -15.20 31.80 11.16
C SER A 112 -14.79 31.46 9.71
N GLU A 113 -15.72 30.84 8.97
CA GLU A 113 -15.51 30.37 7.57
C GLU A 113 -15.25 31.57 6.64
N VAL A 114 -15.98 32.68 6.80
CA VAL A 114 -15.86 33.89 5.91
C VAL A 114 -14.49 34.53 6.15
N LEU A 115 -14.05 34.61 7.40
CA LEU A 115 -12.79 35.30 7.77
C LEU A 115 -11.58 34.51 7.25
N GLU A 116 -11.62 33.17 7.35
CA GLU A 116 -10.61 32.23 6.79
C GLU A 116 -10.41 32.50 5.29
N LEU A 117 -11.51 32.62 4.55
CA LEU A 117 -11.55 32.81 3.07
C LEU A 117 -10.87 34.12 2.65
N LEU A 118 -10.77 35.13 3.53
CA LEU A 118 -10.22 36.47 3.20
C LEU A 118 -8.69 36.47 3.30
N SER A 119 -8.08 37.40 2.57
CA SER A 119 -6.62 37.65 2.50
C SER A 119 -6.18 38.49 3.70
N ALA A 120 -4.88 38.48 4.03
CA ALA A 120 -4.26 39.28 5.12
C ALA A 120 -4.48 40.78 4.91
N PRO A 121 -4.35 41.34 3.69
CA PRO A 121 -4.71 42.74 3.46
C PRO A 121 -6.21 43.03 3.56
N GLU A 122 -7.06 42.05 3.20
CA GLU A 122 -8.54 42.18 3.26
C GLU A 122 -9.00 42.20 4.73
N LEU A 123 -8.39 41.38 5.61
CA LEU A 123 -8.65 41.41 7.07
C LEU A 123 -8.10 42.69 7.69
N LYS A 124 -6.93 43.16 7.24
CA LYS A 124 -6.29 44.42 7.71
C LYS A 124 -7.26 45.59 7.54
N SER A 125 -7.80 45.79 6.32
CA SER A 125 -8.71 46.91 5.98
C SER A 125 -10.06 46.73 6.70
N LEU A 126 -10.51 45.48 6.87
CA LEU A 126 -11.69 45.14 7.71
C LEU A 126 -11.41 45.57 9.15
N ALA A 127 -10.22 45.27 9.67
CA ALA A 127 -9.81 45.53 11.08
C ALA A 127 -9.72 47.04 11.34
N LYS A 128 -9.43 47.85 10.31
CA LYS A 128 -9.42 49.33 10.38
C LYS A 128 -10.85 49.83 10.62
N THR A 129 -11.81 49.38 9.80
CA THR A 129 -13.24 49.83 9.83
C THR A 129 -13.89 49.42 11.16
N PHE A 130 -13.53 48.27 11.73
CA PHE A 130 -14.10 47.71 12.98
C PHE A 130 -13.21 48.00 14.19
N HIS A 131 -12.19 48.87 14.05
CA HIS A 131 -11.35 49.43 15.14
C HIS A 131 -10.86 48.32 16.09
N LEU A 132 -10.21 47.29 15.56
CA LEU A 132 -9.53 46.23 16.35
C LEU A 132 -8.29 46.83 17.01
N VAL A 133 -7.82 46.23 18.12
CA VAL A 133 -6.68 46.74 18.94
C VAL A 133 -5.41 46.77 18.09
N ASN A 134 -5.09 45.68 17.39
CA ASN A 134 -3.87 45.53 16.55
C ASN A 134 -4.29 45.18 15.13
N PRO A 135 -4.56 46.19 14.25
CA PRO A 135 -4.97 45.94 12.87
C PRO A 135 -3.84 45.43 11.96
N ASN A 136 -2.57 45.57 12.40
CA ASN A 136 -1.35 45.10 11.67
C ASN A 136 -0.88 43.76 12.25
N GLY A 137 -1.78 43.00 12.90
CA GLY A 137 -1.46 41.68 13.48
C GLY A 137 -1.55 40.58 12.44
N GLN A 138 -1.16 39.36 12.83
CA GLN A 138 -1.23 38.12 11.99
C GLN A 138 -2.70 37.75 11.76
N LYS A 139 -2.99 37.03 10.67
CA LYS A 139 -4.36 36.64 10.22
C LYS A 139 -5.13 35.99 11.37
N GLN A 140 -4.53 35.01 12.05
CA GLN A 140 -5.23 34.19 13.07
C GLN A 140 -5.64 35.06 14.26
N GLN A 141 -4.78 36.00 14.69
CA GLN A 141 -5.05 36.95 15.79
C GLN A 141 -6.24 37.84 15.42
N LEU A 142 -6.23 38.40 14.20
CA LEU A 142 -7.33 39.20 13.60
C LEU A 142 -8.63 38.38 13.61
N VAL A 143 -8.57 37.11 13.20
CA VAL A 143 -9.73 36.18 13.12
C VAL A 143 -10.27 35.92 14.54
N ASP A 144 -9.40 35.56 15.48
CA ASP A 144 -9.74 35.31 16.91
C ASP A 144 -10.34 36.59 17.53
N ALA A 145 -9.83 37.77 17.15
CA ALA A 145 -10.29 39.09 17.64
C ALA A 145 -11.69 39.39 17.08
N PHE A 146 -11.87 39.25 15.76
CA PHE A 146 -13.16 39.47 15.04
C PHE A 146 -14.26 38.61 15.66
N LEU A 147 -13.94 37.35 16.01
CA LEU A 147 -14.91 36.37 16.57
C LEU A 147 -15.33 36.79 17.99
N LYS A 148 -14.39 37.31 18.80
CA LYS A 148 -14.66 37.82 20.17
C LYS A 148 -15.63 39.00 20.09
N LEU A 149 -15.35 39.98 19.22
CA LEU A 149 -16.17 41.21 19.03
C LEU A 149 -17.60 40.81 18.60
N ALA A 150 -17.72 39.97 17.56
CA ALA A 150 -19.01 39.51 16.98
C ALA A 150 -19.82 38.72 18.02
N LYS A 151 -19.16 37.99 18.93
CA LYS A 151 -19.82 37.24 20.03
C LYS A 151 -20.39 38.23 21.03
N GLN A 152 -19.55 39.13 21.56
CA GLN A 152 -19.89 40.14 22.60
C GLN A 152 -21.06 41.02 22.13
N HIS A 153 -20.98 41.56 20.92
CA HIS A 153 -21.95 42.54 20.34
C HIS A 153 -22.49 42.02 19.01
N SER A 154 -23.59 41.27 19.07
CA SER A 154 -24.30 40.60 17.94
C SER A 154 -24.54 41.57 16.77
N VAL A 155 -24.85 42.83 17.07
CA VAL A 155 -25.21 43.88 16.07
C VAL A 155 -24.01 44.15 15.17
N ILE A 156 -22.81 44.21 15.77
CA ILE A 156 -21.56 44.48 15.06
C ILE A 156 -21.24 43.25 14.21
N GLY A 157 -21.24 42.06 14.82
CA GLY A 157 -21.00 40.75 14.18
C GLY A 157 -21.67 40.63 12.82
N ALA A 158 -22.95 41.01 12.74
CA ALA A 158 -23.78 40.98 11.51
C ALA A 158 -23.22 41.93 10.45
N VAL A 159 -22.60 43.05 10.86
CA VAL A 159 -21.94 44.02 9.94
C VAL A 159 -20.62 43.40 9.46
N ILE A 160 -19.83 42.81 10.37
CA ILE A 160 -18.54 42.11 10.05
C ILE A 160 -18.84 41.05 8.97
N LEU A 161 -19.81 40.18 9.24
CA LEU A 161 -20.30 39.12 8.32
C LEU A 161 -20.68 39.73 6.96
N LYS A 162 -21.43 40.83 6.94
CA LYS A 162 -21.89 41.54 5.72
C LYS A 162 -20.69 42.15 4.97
N ARG A 163 -19.75 42.73 5.73
CA ARG A 163 -18.53 43.42 5.21
C ARG A 163 -17.55 42.39 4.65
N ALA A 164 -17.32 41.29 5.39
CA ALA A 164 -16.40 40.18 5.01
C ALA A 164 -16.92 39.50 3.73
N LYS A 165 -18.20 39.12 3.70
CA LYS A 165 -18.88 38.49 2.54
C LYS A 165 -18.77 39.38 1.30
N ALA A 166 -18.82 40.71 1.47
CA ALA A 166 -18.70 41.70 0.37
C ALA A 166 -17.28 41.67 -0.20
N LEU A 167 -16.26 41.65 0.67
CA LEU A 167 -14.82 41.55 0.30
C LEU A 167 -14.54 40.15 -0.26
N ALA A 168 -15.10 39.11 0.36
CA ALA A 168 -15.01 37.69 -0.07
C ALA A 168 -15.50 37.54 -1.51
N GLY A 169 -16.60 38.24 -1.86
CA GLY A 169 -17.18 38.19 -3.21
C GLY A 169 -17.85 36.86 -3.49
N GLN A 170 -17.98 36.50 -4.76
CA GLN A 170 -18.57 35.21 -5.22
C GLN A 170 -17.61 34.08 -4.86
N SER A 171 -18.06 33.14 -4.01
CA SER A 171 -17.29 31.95 -3.57
C SER A 171 -18.25 30.75 -3.45
N VAL A 172 -17.69 29.55 -3.32
CA VAL A 172 -18.40 28.24 -3.53
C VAL A 172 -17.69 27.14 -2.74
N ARG A 173 -18.45 26.19 -2.20
CA ARG A 173 -17.97 25.02 -1.41
C ARG A 173 -18.70 23.76 -1.88
N ILE A 174 -18.04 22.61 -1.72
CA ILE A 174 -18.57 21.26 -2.06
C ILE A 174 -19.39 20.78 -0.85
N CYS A 175 -20.60 20.27 -1.10
CA CYS A 175 -21.54 19.76 -0.06
C CYS A 175 -20.99 18.46 0.54
N LYS A 176 -20.78 18.42 1.86
CA LYS A 176 -20.18 17.27 2.60
C LYS A 176 -21.05 16.01 2.45
N GLY A 177 -22.36 16.16 2.27
CA GLY A 177 -23.32 15.05 2.12
C GLY A 177 -23.00 14.18 0.90
N PRO A 178 -23.19 14.70 -0.34
CA PRO A 178 -22.74 14.01 -1.55
C PRO A 178 -21.27 13.58 -1.59
N ARG A 179 -20.35 14.45 -1.14
CA ARG A 179 -18.89 14.18 -1.06
C ARG A 179 -18.66 12.86 -0.32
N ALA A 180 -19.32 12.68 0.83
CA ALA A 180 -19.21 11.50 1.72
C ALA A 180 -19.59 10.22 0.97
N VAL A 181 -20.56 10.30 0.04
CA VAL A 181 -21.02 9.12 -0.77
C VAL A 181 -19.88 8.70 -1.70
N PHE A 182 -19.21 9.67 -2.35
CA PHE A 182 -18.10 9.41 -3.29
C PHE A 182 -16.86 8.95 -2.51
N SER A 183 -16.60 9.54 -1.35
CA SER A 183 -15.51 9.12 -0.42
C SER A 183 -15.65 7.62 -0.12
N ARG A 184 -16.87 7.16 0.18
CA ARG A 184 -17.16 5.75 0.52
C ARG A 184 -17.01 4.87 -0.72
N ILE A 185 -17.42 5.35 -1.90
CA ILE A 185 -17.26 4.59 -3.18
C ILE A 185 -15.77 4.34 -3.41
N LEU A 186 -14.94 5.39 -3.34
CA LEU A 186 -13.45 5.30 -3.46
C LEU A 186 -12.89 4.33 -2.41
N LEU A 187 -13.33 4.44 -1.16
CA LEU A 187 -12.86 3.57 -0.06
C LEU A 187 -13.08 2.10 -0.44
N LEU A 188 -14.28 1.77 -0.94
CA LEU A 188 -14.62 0.39 -1.39
C LEU A 188 -13.76 0.00 -2.59
N PHE A 189 -13.54 0.92 -3.52
CA PHE A 189 -12.72 0.69 -4.74
C PHE A 189 -11.26 0.45 -4.32
N SER A 190 -10.74 1.28 -3.41
CA SER A 190 -9.33 1.31 -2.93
C SER A 190 -8.91 -0.06 -2.36
N LEU A 191 -9.79 -0.70 -1.59
CA LEU A 191 -9.52 -1.99 -0.89
C LEU A 191 -8.69 -2.92 -1.79
N THR A 192 -9.11 -3.07 -3.05
CA THR A 192 -8.67 -4.13 -3.99
C THR A 192 -7.41 -3.69 -4.77
N ASP A 193 -7.14 -2.38 -4.88
CA ASP A 193 -5.91 -1.85 -5.56
C ASP A 193 -4.68 -2.12 -4.67
N SER A 194 -4.85 -2.02 -3.34
CA SER A 194 -3.76 -2.18 -2.33
C SER A 194 -3.43 -3.66 -2.16
N MET A 195 -2.25 -4.10 -2.66
CA MET A 195 -1.68 -5.45 -2.44
C MET A 195 -0.80 -5.43 -1.17
N GLU A 196 0.01 -4.37 -1.02
CA GLU A 196 0.84 -4.08 0.18
C GLU A 196 0.09 -3.11 1.10
N ASP A 197 0.61 -2.90 2.31
CA ASP A 197 0.05 -1.98 3.34
C ASP A 197 0.78 -0.63 3.26
N GLU A 198 0.12 0.39 2.68
CA GLU A 198 0.68 1.75 2.42
C GLU A 198 1.92 1.65 1.51
N LEU A 208 -8.73 10.35 -4.69
CA LEU A 208 -8.03 9.30 -5.49
C LEU A 208 -6.51 9.45 -5.33
N SER A 209 -5.79 8.33 -5.20
CA SER A 209 -4.30 8.29 -5.20
C SER A 209 -3.78 8.76 -6.57
N THR A 210 -2.59 9.38 -6.58
CA THR A 210 -1.99 10.07 -7.75
C THR A 210 -1.91 9.13 -8.95
N VAL A 211 -1.18 8.01 -8.82
CA VAL A 211 -0.86 7.09 -9.95
C VAL A 211 -2.17 6.58 -10.60
N LEU A 212 -3.20 6.29 -9.80
CA LEU A 212 -4.51 5.80 -10.30
C LEU A 212 -5.29 6.97 -10.92
N LEU A 213 -5.43 8.09 -10.20
CA LEU A 213 -6.08 9.34 -10.69
C LEU A 213 -5.62 9.62 -12.13
N VAL A 214 -4.31 9.52 -12.39
CA VAL A 214 -3.69 9.84 -13.71
C VAL A 214 -4.01 8.71 -14.70
N ASN A 215 -3.75 7.45 -14.33
CA ASN A 215 -3.63 6.29 -15.27
C ASN A 215 -4.93 5.49 -15.37
N LEU A 216 -5.74 5.38 -14.31
CA LEU A 216 -6.81 4.35 -14.16
C LEU A 216 -7.76 4.34 -15.37
N GLY A 217 -8.05 5.50 -15.97
CA GLY A 217 -8.91 5.63 -17.16
C GLY A 217 -8.40 4.81 -18.33
N ARG A 218 -7.07 4.72 -18.48
CA ARG A 218 -6.35 4.15 -19.65
C ARG A 218 -5.97 2.68 -19.41
N MET A 219 -6.00 2.20 -18.15
CA MET A 219 -5.59 0.83 -17.75
C MET A 219 -6.62 -0.19 -18.24
N GLU A 220 -6.15 -1.24 -18.95
CA GLU A 220 -6.91 -2.47 -19.25
C GLU A 220 -6.49 -3.54 -18.23
N PHE A 221 -7.47 -4.21 -17.60
CA PHE A 221 -7.24 -5.16 -16.48
C PHE A 221 -7.35 -6.59 -17.01
N PRO A 222 -6.62 -7.58 -16.41
CA PRO A 222 -6.83 -8.99 -16.72
C PRO A 222 -8.33 -9.35 -16.73
N SER A 223 -8.74 -10.18 -17.69
CA SER A 223 -10.11 -10.75 -17.74
C SER A 223 -10.17 -11.93 -16.76
N TYR A 224 -11.19 -11.93 -15.90
CA TYR A 224 -11.48 -12.99 -14.90
C TYR A 224 -12.99 -12.98 -14.62
N THR A 225 -13.48 -13.94 -13.85
CA THR A 225 -14.90 -14.08 -13.47
C THR A 225 -15.08 -13.58 -12.04
N ILE A 226 -15.84 -12.50 -11.85
CA ILE A 226 -16.25 -11.97 -10.51
C ILE A 226 -17.16 -13.02 -9.85
N ASN A 227 -16.90 -13.37 -8.59
CA ASN A 227 -17.62 -14.44 -7.83
C ASN A 227 -17.53 -14.15 -6.34
N ARG A 228 -18.59 -13.58 -5.76
CA ARG A 228 -18.67 -13.09 -4.35
C ARG A 228 -19.66 -13.94 -3.54
N LYS A 229 -19.15 -14.98 -2.87
CA LYS A 229 -19.93 -15.87 -1.97
C LYS A 229 -20.15 -15.18 -0.61
N THR A 230 -19.21 -14.34 -0.16
CA THR A 230 -19.11 -13.81 1.23
C THR A 230 -19.27 -12.28 1.24
N HIS A 231 -19.87 -11.74 2.31
CA HIS A 231 -19.97 -10.28 2.60
C HIS A 231 -18.80 -9.88 3.50
N ILE A 232 -18.14 -8.75 3.19
CA ILE A 232 -16.97 -8.22 3.96
C ILE A 232 -17.51 -7.38 5.13
N PHE A 233 -18.36 -6.40 4.83
CA PHE A 233 -19.00 -5.49 5.81
C PHE A 233 -20.44 -5.96 6.04
N GLN A 234 -20.88 -6.00 7.29
CA GLN A 234 -22.22 -6.50 7.69
C GLN A 234 -23.26 -5.48 7.23
N ASP A 235 -23.06 -4.22 7.62
CA ASP A 235 -23.98 -3.09 7.35
C ASP A 235 -23.17 -1.80 7.17
N ARG A 236 -23.86 -0.71 6.80
CA ARG A 236 -23.30 0.65 6.59
C ARG A 236 -22.51 1.10 7.82
N ASP A 237 -22.98 0.78 9.03
CA ASP A 237 -22.34 1.16 10.33
C ASP A 237 -20.97 0.46 10.48
N ASP A 238 -20.83 -0.75 9.93
CA ASP A 238 -19.57 -1.55 9.99
C ASP A 238 -18.50 -0.82 9.16
N LEU A 239 -18.84 -0.44 7.93
CA LEU A 239 -17.97 0.30 6.96
C LEU A 239 -17.47 1.60 7.60
N ILE A 240 -18.36 2.37 8.23
CA ILE A 240 -18.06 3.70 8.83
C ILE A 240 -17.01 3.53 9.95
N ARG A 241 -17.07 2.42 10.69
CA ARG A 241 -16.12 2.13 11.81
C ARG A 241 -14.77 1.70 11.25
N TYR A 242 -14.75 0.91 10.17
CA TYR A 242 -13.55 0.56 9.37
C TYR A 242 -12.89 1.86 8.89
N ALA A 243 -13.65 2.66 8.14
CA ALA A 243 -13.24 3.95 7.51
C ALA A 243 -12.63 4.89 8.56
N ALA A 244 -13.20 4.91 9.77
CA ALA A 244 -12.74 5.77 10.90
C ALA A 244 -11.38 5.28 11.39
N ALA A 245 -11.19 3.97 11.53
CA ALA A 245 -9.91 3.34 11.95
C ALA A 245 -8.84 3.60 10.89
N THR A 246 -9.25 3.57 9.61
CA THR A 246 -8.40 3.91 8.43
C THR A 246 -7.88 5.34 8.60
N HIS A 247 -8.75 6.30 8.88
CA HIS A 247 -8.40 7.72 9.10
C HIS A 247 -7.44 7.83 10.30
N MET A 248 -7.70 7.07 11.37
CA MET A 248 -6.85 7.05 12.60
C MET A 248 -5.48 6.45 12.26
N LEU A 249 -5.45 5.34 11.53
CA LEU A 249 -4.20 4.72 11.04
C LEU A 249 -3.44 5.73 10.18
N SER A 250 -4.13 6.38 9.24
CA SER A 250 -3.55 7.39 8.32
C SER A 250 -2.93 8.53 9.15
N ASP A 251 -3.67 9.07 10.12
CA ASP A 251 -3.24 10.18 11.02
C ASP A 251 -1.96 9.76 11.78
N ILE A 252 -1.94 8.56 12.35
CA ILE A 252 -0.80 8.03 13.16
C ILE A 252 0.46 7.96 12.29
N SER A 253 0.34 7.45 11.05
CA SER A 253 1.44 7.34 10.07
C SER A 253 2.00 8.73 9.73
N SER A 254 1.12 9.70 9.51
CA SER A 254 1.46 11.11 9.16
C SER A 254 2.21 11.78 10.31
N ALA A 255 1.81 11.49 11.56
CA ALA A 255 2.47 11.98 12.79
C ALA A 255 3.90 11.42 12.85
N MET A 256 4.03 10.09 12.69
CA MET A 256 5.31 9.34 12.65
C MET A 256 6.19 9.84 11.50
N ALA A 257 5.58 10.08 10.32
CA ALA A 257 6.26 10.56 9.10
C ALA A 257 6.92 11.93 9.36
N ASN A 258 6.23 12.83 10.06
CA ASN A 258 6.70 14.21 10.36
C ASN A 258 7.53 14.24 11.66
N GLY A 259 7.75 13.07 12.29
CA GLY A 259 8.59 12.92 13.49
C GLY A 259 7.97 13.56 14.72
N ASN A 260 6.64 13.65 14.78
CA ASN A 260 5.86 14.12 15.95
C ASN A 260 5.43 12.90 16.75
N TRP A 261 6.35 12.34 17.53
CA TRP A 261 6.26 10.99 18.17
C TRP A 261 5.38 11.04 19.44
N GLU A 262 5.14 12.23 20.01
CA GLU A 262 4.24 12.43 21.17
C GLU A 262 2.79 12.42 20.68
N GLU A 263 2.50 13.16 19.60
CA GLU A 263 1.17 13.20 18.92
C GLU A 263 0.74 11.77 18.56
N ALA A 264 1.65 11.02 17.92
CA ALA A 264 1.44 9.62 17.46
C ALA A 264 1.10 8.70 18.65
N LYS A 265 1.78 8.87 19.79
CA LYS A 265 1.59 8.04 21.01
C LYS A 265 0.14 8.19 21.51
N GLU A 266 -0.32 9.43 21.70
CA GLU A 266 -1.69 9.76 22.15
C GLU A 266 -2.71 9.19 21.15
N LEU A 267 -2.50 9.46 19.85
CA LEU A 267 -3.38 8.97 18.74
C LEU A 267 -3.49 7.44 18.79
N ALA A 268 -2.37 6.75 19.01
CA ALA A 268 -2.32 5.27 19.17
C ALA A 268 -3.03 4.86 20.46
N GLN A 269 -2.93 5.66 21.52
CA GLN A 269 -3.64 5.42 22.82
C GLN A 269 -5.15 5.62 22.63
N CYS A 270 -5.57 6.68 21.91
CA CYS A 270 -6.99 6.92 21.48
C CYS A 270 -7.51 5.69 20.73
N ALA A 271 -6.74 5.21 19.74
CA ALA A 271 -7.05 4.04 18.89
C ALA A 271 -7.23 2.79 19.76
N LYS A 272 -6.33 2.59 20.73
CA LYS A 272 -6.36 1.42 21.66
C LYS A 272 -7.64 1.50 22.50
N ARG A 273 -8.00 2.69 23.00
CA ARG A 273 -9.26 2.94 23.75
C ARG A 273 -10.46 2.67 22.85
N ASP A 274 -10.51 3.32 21.68
CA ASP A 274 -11.60 3.18 20.67
C ASP A 274 -11.75 1.70 20.28
N TRP A 275 -10.65 0.96 20.15
CA TRP A 275 -10.62 -0.49 19.81
C TRP A 275 -11.06 -1.33 21.02
N ASN A 276 -10.69 -0.91 22.23
CA ASN A 276 -11.08 -1.58 23.51
C ASN A 276 -12.60 -1.50 23.68
N ARG A 277 -13.19 -0.30 23.50
CA ARG A 277 -14.65 -0.03 23.58
C ARG A 277 -15.45 -0.98 22.66
N LEU A 278 -14.86 -1.37 21.52
CA LEU A 278 -15.57 -2.03 20.39
C LEU A 278 -15.44 -3.56 20.44
N LYS A 279 -14.57 -4.09 21.31
CA LYS A 279 -14.13 -5.52 21.28
C LYS A 279 -15.32 -6.48 21.49
N ASN A 280 -16.41 -6.04 22.13
CA ASN A 280 -17.61 -6.86 22.42
C ASN A 280 -18.53 -6.97 21.19
N HIS A 281 -18.58 -5.93 20.33
CA HIS A 281 -19.61 -5.71 19.27
C HIS A 281 -19.83 -6.99 18.44
N PRO A 282 -21.10 -7.36 18.10
CA PRO A 282 -21.37 -8.59 17.36
C PRO A 282 -20.71 -8.75 15.98
N SER A 283 -20.47 -7.64 15.27
CA SER A 283 -19.89 -7.60 13.89
C SER A 283 -18.52 -8.29 13.87
N LEU A 284 -17.70 -8.07 14.90
CA LEU A 284 -16.32 -8.66 15.04
C LEU A 284 -16.37 -10.18 14.97
N ARG A 285 -17.45 -10.82 15.45
CA ARG A 285 -17.61 -12.30 15.40
C ARG A 285 -17.77 -12.76 13.95
N CYS A 286 -18.42 -11.97 13.09
CA CYS A 286 -18.54 -12.25 11.62
C CYS A 286 -17.18 -12.09 10.94
N HIS A 287 -16.36 -11.12 11.40
CA HIS A 287 -15.01 -10.82 10.87
C HIS A 287 -14.07 -12.00 11.13
N GLU A 288 -14.02 -12.50 12.37
CA GLU A 288 -13.24 -13.69 12.81
C GLU A 288 -13.47 -14.89 11.85
N ASP A 289 -14.67 -14.99 11.27
CA ASP A 289 -15.10 -16.12 10.40
C ASP A 289 -14.75 -15.85 8.93
N LEU A 290 -14.44 -14.61 8.54
CA LEU A 290 -13.92 -14.30 7.16
C LEU A 290 -12.59 -14.99 6.97
N PRO A 291 -12.29 -15.52 5.75
CA PRO A 291 -10.95 -16.03 5.46
C PRO A 291 -9.96 -14.86 5.40
N LEU A 292 -8.69 -15.14 5.71
CA LEU A 292 -7.65 -14.11 5.95
C LEU A 292 -7.63 -13.09 4.78
N PHE A 293 -7.78 -13.55 3.55
CA PHE A 293 -7.66 -12.70 2.34
C PHE A 293 -8.76 -11.64 2.29
N LEU A 294 -9.86 -11.80 3.03
CA LEU A 294 -10.92 -10.77 3.25
C LEU A 294 -10.81 -10.13 4.64
N ARG A 295 -10.31 -10.86 5.64
CA ARG A 295 -10.27 -10.39 7.06
C ARG A 295 -9.36 -9.16 7.18
N CYS A 296 -8.47 -8.92 6.21
CA CYS A 296 -7.66 -7.67 6.10
C CYS A 296 -8.57 -6.45 5.97
N PHE A 297 -9.73 -6.58 5.31
CA PHE A 297 -10.68 -5.46 5.03
C PHE A 297 -11.70 -5.34 6.16
N THR A 298 -11.24 -5.39 7.41
CA THR A 298 -12.09 -5.38 8.64
C THR A 298 -11.47 -4.46 9.69
N VAL A 299 -12.32 -3.78 10.44
CA VAL A 299 -11.97 -2.71 11.42
C VAL A 299 -10.89 -3.24 12.38
N GLY A 300 -11.02 -4.50 12.84
CA GLY A 300 -10.12 -5.10 13.85
C GLY A 300 -8.71 -5.24 13.33
N TRP A 301 -8.56 -5.65 12.09
CA TRP A 301 -7.26 -5.72 11.36
C TRP A 301 -6.59 -4.34 11.35
N ILE A 302 -7.35 -3.27 11.11
CA ILE A 302 -6.80 -1.89 10.99
C ILE A 302 -6.28 -1.43 12.36
N TYR A 303 -7.05 -1.68 13.44
CA TYR A 303 -6.62 -1.37 14.83
C TYR A 303 -5.39 -2.22 15.20
N THR A 304 -5.34 -3.49 14.77
CA THR A 304 -4.16 -4.37 14.95
C THR A 304 -2.94 -3.75 14.26
N ARG A 305 -3.11 -3.25 13.03
CA ARG A 305 -2.05 -2.54 12.26
C ARG A 305 -1.65 -1.26 13.00
N ILE A 306 -2.61 -0.55 13.60
CA ILE A 306 -2.34 0.63 14.49
C ILE A 306 -1.52 0.16 15.70
N LEU A 307 -1.82 -1.02 16.26
CA LEU A 307 -1.05 -1.59 17.40
C LEU A 307 0.39 -1.93 16.94
N SER A 308 0.60 -2.38 15.71
CA SER A 308 1.95 -2.53 15.09
C SER A 308 2.66 -1.17 15.01
N ARG A 309 1.93 -0.10 14.67
CA ARG A 309 2.52 1.26 14.61
C ARG A 309 2.83 1.72 16.03
N PHE A 310 2.02 1.29 17.01
CA PHE A 310 2.17 1.66 18.44
C PHE A 310 3.51 1.10 18.95
N VAL A 311 3.81 -0.19 18.69
CA VAL A 311 5.10 -0.82 19.13
C VAL A 311 6.27 -0.11 18.44
N GLU A 312 6.08 0.41 17.22
CA GLU A 312 7.12 1.17 16.47
C GLU A 312 7.38 2.51 17.18
N ILE A 313 6.34 3.20 17.63
CA ILE A 313 6.42 4.53 18.30
C ILE A 313 7.05 4.34 19.69
N LEU A 314 6.57 3.38 20.46
CA LEU A 314 7.10 3.05 21.81
C LEU A 314 8.60 2.80 21.73
N GLN A 315 9.05 2.06 20.70
CA GLN A 315 10.48 1.71 20.47
C GLN A 315 11.31 2.96 20.14
N ARG A 316 10.74 3.90 19.38
CA ARG A 316 11.41 5.16 18.98
C ARG A 316 11.56 6.08 20.21
N LEU A 317 10.58 6.07 21.12
CA LEU A 317 10.59 6.83 22.40
C LEU A 317 11.33 6.07 23.50
N HIS A 318 11.92 4.90 23.19
CA HIS A 318 12.79 4.08 24.09
C HIS A 318 11.98 3.58 25.30
N MET A 319 10.71 3.23 25.09
CA MET A 319 9.80 2.62 26.10
C MET A 319 9.68 1.12 25.78
N TYR A 320 10.79 0.39 25.94
CA TYR A 320 10.96 -1.00 25.44
C TYR A 320 10.16 -1.99 26.31
N GLU A 321 10.01 -1.71 27.61
CA GLU A 321 9.14 -2.47 28.55
C GLU A 321 7.70 -2.37 28.04
N GLU A 322 7.24 -1.16 27.70
CA GLU A 322 5.88 -0.87 27.20
C GLU A 322 5.70 -1.50 25.81
N ALA A 323 6.69 -1.37 24.93
CA ALA A 323 6.72 -1.97 23.57
C ALA A 323 6.53 -3.49 23.65
N VAL A 324 7.16 -4.16 24.62
CA VAL A 324 7.16 -5.65 24.77
C VAL A 324 5.77 -6.14 25.20
N ARG A 325 5.05 -5.39 26.05
CA ARG A 325 3.67 -5.74 26.51
C ARG A 325 2.75 -5.84 25.29
N GLU A 326 2.79 -4.82 24.43
CA GLU A 326 1.97 -4.70 23.19
C GLU A 326 2.32 -5.83 22.22
N LEU A 327 3.61 -6.15 22.07
CA LEU A 327 4.09 -7.26 21.19
C LEU A 327 3.59 -8.61 21.74
N GLU A 328 3.62 -8.78 23.06
CA GLU A 328 3.10 -9.99 23.75
C GLU A 328 1.58 -10.07 23.55
N SER A 329 0.88 -8.95 23.74
CA SER A 329 -0.58 -8.77 23.47
C SER A 329 -0.92 -9.16 22.03
N LEU A 330 -0.18 -8.64 21.05
CA LEU A 330 -0.40 -8.92 19.60
C LEU A 330 -0.17 -10.41 19.30
N LEU A 331 0.89 -10.99 19.85
CA LEU A 331 1.28 -12.41 19.61
C LEU A 331 0.33 -13.38 20.35
N SER A 332 -0.41 -12.90 21.36
CA SER A 332 -1.34 -13.72 22.17
C SER A 332 -2.60 -14.11 21.40
N GLN A 333 -2.87 -13.49 20.24
CA GLN A 333 -4.02 -13.84 19.34
C GLN A 333 -3.50 -14.18 17.93
N ARG A 334 -4.30 -14.94 17.18
CA ARG A 334 -4.00 -15.39 15.79
C ARG A 334 -5.10 -14.93 14.83
N ILE A 335 -6.03 -14.08 15.28
CA ILE A 335 -7.20 -13.61 14.47
C ILE A 335 -6.67 -12.61 13.43
N TYR A 336 -5.98 -11.57 13.89
CA TYR A 336 -5.60 -10.37 13.11
C TYR A 336 -4.08 -10.34 12.84
N CYS A 337 -3.72 -10.21 11.56
CA CYS A 337 -2.35 -9.99 11.01
C CYS A 337 -1.42 -11.14 11.35
N PRO A 338 -1.82 -12.42 11.12
CA PRO A 338 -0.89 -13.54 11.30
C PRO A 338 0.43 -13.35 10.54
N ASP A 339 0.38 -12.79 9.33
CA ASP A 339 1.54 -12.58 8.43
C ASP A 339 2.60 -11.66 9.10
N SER A 340 2.18 -10.79 10.03
CA SER A 340 3.07 -9.87 10.79
C SER A 340 3.74 -10.58 11.98
N ARG A 341 3.34 -11.80 12.34
CA ARG A 341 3.80 -12.49 13.58
C ARG A 341 5.32 -12.74 13.50
N GLY A 342 5.83 -13.12 12.33
CA GLY A 342 7.28 -13.21 12.05
C GLY A 342 8.01 -11.93 12.42
N ARG A 343 7.47 -10.77 12.03
CA ARG A 343 8.05 -9.44 12.34
C ARG A 343 7.94 -9.17 13.84
N TRP A 344 6.85 -9.61 14.47
CA TRP A 344 6.54 -9.39 15.91
C TRP A 344 7.50 -10.20 16.79
N TRP A 345 7.67 -11.49 16.49
CA TRP A 345 8.54 -12.43 17.26
C TRP A 345 9.99 -11.92 17.22
N ASP A 346 10.52 -11.74 16.00
CA ASP A 346 11.90 -11.25 15.73
C ASP A 346 12.14 -9.97 16.53
N ARG A 347 11.13 -9.09 16.55
CA ARG A 347 11.21 -7.76 17.20
C ARG A 347 11.06 -7.90 18.72
N LEU A 348 10.23 -8.84 19.19
CA LEU A 348 10.09 -9.15 20.64
C LEU A 348 11.41 -9.72 21.18
N ALA A 349 12.02 -10.66 20.44
CA ALA A 349 13.34 -11.26 20.77
C ALA A 349 14.40 -10.17 20.93
N LEU A 350 14.43 -9.19 20.02
CA LEU A 350 15.43 -8.10 19.97
C LEU A 350 15.31 -7.22 21.23
N ASN A 351 14.08 -6.80 21.58
CA ASN A 351 13.79 -5.88 22.71
C ASN A 351 14.10 -6.56 24.05
N LEU A 352 13.73 -7.84 24.22
CA LEU A 352 14.02 -8.64 25.44
C LEU A 352 15.53 -8.85 25.58
N HIS A 353 16.27 -8.97 24.48
CA HIS A 353 17.70 -9.36 24.45
C HIS A 353 18.61 -8.14 24.65
N GLN A 354 18.51 -7.16 23.74
CA GLN A 354 19.50 -6.04 23.62
C GLN A 354 19.09 -4.84 24.49
N HIS A 355 17.79 -4.64 24.75
CA HIS A 355 17.25 -3.40 25.38
C HIS A 355 16.88 -3.65 26.85
N LEU A 356 16.15 -4.72 27.16
CA LEU A 356 15.74 -5.07 28.54
C LEU A 356 16.77 -6.00 29.19
N LYS A 357 17.54 -6.75 28.39
CA LYS A 357 18.61 -7.69 28.85
C LYS A 357 17.98 -8.76 29.75
N ARG A 358 16.87 -9.37 29.29
CA ARG A 358 16.18 -10.52 29.94
C ARG A 358 16.40 -11.75 29.06
N LEU A 359 17.53 -12.45 29.27
CA LEU A 359 17.99 -13.59 28.45
C LEU A 359 17.05 -14.80 28.61
N GLU A 360 16.33 -14.92 29.74
CA GLU A 360 15.43 -16.07 30.03
C GLU A 360 14.16 -15.94 29.18
N PRO A 361 13.43 -14.80 29.20
CA PRO A 361 12.38 -14.53 28.22
C PRO A 361 12.78 -14.61 26.73
N THR A 362 13.97 -14.08 26.40
CA THR A 362 14.57 -14.11 25.02
C THR A 362 14.56 -15.56 24.49
N ILE A 363 15.04 -16.51 25.29
CA ILE A 363 15.13 -17.95 24.91
C ILE A 363 13.72 -18.51 24.73
N LYS A 364 12.77 -18.15 25.58
CA LYS A 364 11.35 -18.60 25.52
C LYS A 364 10.68 -18.01 24.27
N CYS A 365 10.77 -16.69 24.13
CA CYS A 365 10.30 -15.88 22.97
C CYS A 365 10.78 -16.52 21.65
N ILE A 366 12.08 -16.77 21.51
CA ILE A 366 12.72 -17.37 20.30
C ILE A 366 12.12 -18.76 20.06
N THR A 367 11.99 -19.57 21.12
CA THR A 367 11.48 -20.97 21.04
C THR A 367 10.06 -20.96 20.47
N GLU A 368 9.16 -20.22 21.13
CA GLU A 368 7.75 -20.03 20.69
C GLU A 368 7.71 -19.44 19.28
N GLY A 369 8.63 -18.51 18.96
CA GLY A 369 8.79 -17.88 17.64
C GLY A 369 9.08 -18.89 16.56
N LEU A 370 10.16 -19.67 16.73
CA LEU A 370 10.62 -20.69 15.75
C LEU A 370 9.60 -21.83 15.63
N ALA A 371 8.83 -22.13 16.69
CA ALA A 371 7.76 -23.15 16.71
C ALA A 371 6.61 -22.70 15.78
N ASP A 372 6.19 -21.44 15.89
CA ASP A 372 5.06 -20.82 15.15
C ASP A 372 5.25 -21.04 13.64
N PRO A 373 4.29 -21.69 12.93
CA PRO A 373 4.42 -21.92 11.49
C PRO A 373 4.05 -20.72 10.60
N GLU A 374 3.64 -19.59 11.20
CA GLU A 374 3.36 -18.31 10.49
C GLU A 374 4.65 -17.52 10.26
N VAL A 375 5.71 -17.74 11.06
CA VAL A 375 7.04 -17.09 10.86
C VAL A 375 7.74 -17.82 9.73
N ARG A 376 8.37 -17.09 8.80
CA ARG A 376 8.95 -17.62 7.54
C ARG A 376 10.28 -16.91 7.24
N THR A 377 10.97 -17.40 6.21
CA THR A 377 12.12 -16.76 5.50
C THR A 377 12.98 -15.95 6.47
N GLY A 378 12.99 -14.62 6.37
CA GLY A 378 13.98 -13.74 7.02
C GLY A 378 13.86 -13.77 8.53
N HIS A 379 12.64 -13.66 9.05
CA HIS A 379 12.33 -13.62 10.50
C HIS A 379 12.54 -15.00 11.14
N ARG A 380 12.25 -16.07 10.40
CA ARG A 380 12.65 -17.45 10.78
C ARG A 380 14.16 -17.47 11.00
N LEU A 381 14.93 -17.13 9.96
CA LEU A 381 16.42 -17.16 9.97
C LEU A 381 16.94 -16.27 11.10
N SER A 382 16.47 -15.03 11.18
CA SER A 382 16.88 -13.99 12.18
C SER A 382 16.73 -14.52 13.62
N LEU A 383 15.64 -15.23 13.92
CA LEU A 383 15.40 -15.87 15.24
C LEU A 383 16.43 -16.99 15.47
N TYR A 384 16.65 -17.83 14.46
CA TYR A 384 17.64 -18.94 14.46
C TYR A 384 19.06 -18.38 14.58
N GLN A 385 19.35 -17.23 13.97
CA GLN A 385 20.68 -16.55 14.06
C GLN A 385 20.88 -16.03 15.49
N ARG A 386 19.84 -15.51 16.13
CA ARG A 386 19.88 -15.02 17.53
C ARG A 386 20.05 -16.22 18.48
N ALA A 387 19.59 -17.41 18.08
CA ALA A 387 19.77 -18.68 18.83
C ALA A 387 21.25 -19.05 18.85
N VAL A 388 21.90 -19.22 17.68
CA VAL A 388 23.33 -19.66 17.58
C VAL A 388 24.26 -18.63 18.24
N ARG A 389 23.79 -17.39 18.44
CA ARG A 389 24.53 -16.29 19.13
C ARG A 389 24.43 -16.46 20.66
N LEU A 390 23.50 -17.30 21.15
CA LEU A 390 23.24 -17.52 22.61
C LEU A 390 23.78 -18.88 23.07
N ARG A 391 23.72 -19.92 22.21
CA ARG A 391 24.31 -21.27 22.51
C ARG A 391 25.85 -21.17 22.53
N GLU A 392 26.44 -20.18 21.84
CA GLU A 392 27.89 -19.90 21.80
C GLU A 392 28.19 -18.58 22.53
N SER A 393 27.63 -18.39 23.73
CA SER A 393 27.75 -17.17 24.56
C SER A 393 27.95 -17.54 26.03
N PRO A 394 29.10 -17.18 26.65
CA PRO A 394 29.33 -17.44 28.08
C PRO A 394 28.17 -17.11 29.04
N SER A 395 27.45 -16.01 28.77
CA SER A 395 26.33 -15.48 29.60
C SER A 395 25.23 -16.54 29.81
N CYS A 396 24.97 -17.39 28.80
CA CYS A 396 23.85 -18.38 28.76
C CYS A 396 24.37 -19.82 28.92
N LYS A 397 25.47 -20.02 29.66
CA LYS A 397 25.99 -21.37 30.03
C LYS A 397 25.09 -21.97 31.12
N LYS A 398 24.55 -21.14 32.01
CA LYS A 398 23.59 -21.50 33.10
C LYS A 398 22.31 -22.14 32.54
N PHE A 399 21.95 -21.86 31.27
CA PHE A 399 20.79 -22.46 30.55
C PHE A 399 21.25 -23.74 29.81
N LYS A 400 20.31 -24.41 29.13
CA LYS A 400 20.49 -25.77 28.55
C LYS A 400 21.28 -25.71 27.22
N HIS A 401 21.34 -26.82 26.50
CA HIS A 401 21.86 -27.02 25.11
C HIS A 401 21.52 -25.83 24.18
N LEU A 402 20.24 -25.44 24.12
CA LEU A 402 19.65 -24.45 23.16
C LEU A 402 19.79 -24.94 21.71
N PHE A 403 19.80 -26.26 21.47
CA PHE A 403 19.78 -26.89 20.12
C PHE A 403 19.23 -28.32 20.22
N ALA A 410 19.52 -23.44 9.20
CA ALA A 410 20.85 -23.07 8.67
C ALA A 410 20.70 -22.50 7.25
N VAL A 411 21.82 -22.06 6.66
CA VAL A 411 21.93 -21.59 5.24
C VAL A 411 23.23 -22.12 4.64
N GLN A 412 23.23 -22.44 3.34
CA GLN A 412 24.42 -22.94 2.59
C GLN A 412 25.33 -21.75 2.24
N ASP A 413 26.64 -21.99 2.16
CA ASP A 413 27.67 -20.96 1.83
C ASP A 413 27.61 -20.65 0.33
N VAL A 414 28.00 -19.43 -0.06
CA VAL A 414 27.84 -18.85 -1.43
C VAL A 414 29.13 -18.14 -1.84
N LYS A 415 29.53 -18.25 -3.12
CA LYS A 415 30.73 -17.59 -3.69
C LYS A 415 30.55 -16.07 -3.68
N HIS A 416 31.29 -15.38 -2.81
CA HIS A 416 31.46 -13.90 -2.82
C HIS A 416 32.58 -13.54 -3.80
N VAL A 417 32.47 -12.40 -4.48
CA VAL A 417 33.43 -11.90 -5.51
C VAL A 417 33.56 -10.39 -5.35
N THR A 418 34.75 -9.84 -5.64
CA THR A 418 35.09 -8.40 -5.48
C THR A 418 35.52 -7.82 -6.83
N ILE A 419 35.04 -6.62 -7.18
CA ILE A 419 35.54 -5.76 -8.29
C ILE A 419 35.72 -4.34 -7.74
N THR A 420 36.16 -3.39 -8.57
CA THR A 420 36.60 -2.03 -8.14
C THR A 420 36.01 -0.94 -9.06
N GLY A 421 35.75 0.25 -8.49
CA GLY A 421 35.39 1.49 -9.21
C GLY A 421 35.96 2.72 -8.51
N ARG A 422 35.73 3.92 -9.07
CA ARG A 422 36.23 5.21 -8.53
C ARG A 422 35.24 5.74 -7.49
N PHE A 434 30.80 6.72 -7.82
CA PHE A 434 31.28 5.71 -8.80
C PHE A 434 31.10 6.23 -10.24
N VAL A 435 32.09 6.01 -11.10
CA VAL A 435 32.12 6.46 -12.53
C VAL A 435 32.75 5.36 -13.40
N MET A 436 32.46 5.40 -14.71
CA MET A 436 33.05 4.52 -15.75
C MET A 436 33.12 5.27 -17.09
N VAL A 447 28.85 8.79 -17.69
CA VAL A 447 30.11 8.65 -16.89
C VAL A 447 29.77 8.10 -15.50
N LEU A 448 28.88 8.79 -14.76
CA LEU A 448 28.35 8.37 -13.44
C LEU A 448 27.48 7.11 -13.61
N CYS A 449 27.82 6.05 -12.86
CA CYS A 449 27.16 4.71 -12.91
C CYS A 449 26.80 4.24 -11.50
N SER A 450 25.77 3.41 -11.37
CA SER A 450 25.37 2.71 -10.12
C SER A 450 26.33 1.54 -9.85
N VAL A 451 26.22 0.94 -8.66
CA VAL A 451 27.03 -0.24 -8.22
C VAL A 451 26.65 -1.43 -9.11
N GLU A 452 25.39 -1.52 -9.54
CA GLU A 452 24.84 -2.64 -10.36
C GLU A 452 25.31 -2.50 -11.82
N GLU A 453 25.26 -1.29 -12.38
CA GLU A 453 25.71 -0.98 -13.77
C GLU A 453 27.19 -1.35 -13.95
N LEU A 454 28.00 -1.16 -12.91
CA LEU A 454 29.45 -1.46 -12.91
C LEU A 454 29.65 -2.98 -12.96
N ALA A 455 28.90 -3.73 -12.14
CA ALA A 455 28.94 -5.21 -12.07
C ALA A 455 28.49 -5.82 -13.41
N LEU A 456 27.48 -5.25 -14.06
CA LEU A 456 26.95 -5.72 -15.38
C LEU A 456 28.07 -5.66 -16.43
N ALA A 457 28.88 -4.60 -16.43
CA ALA A 457 30.03 -4.41 -17.34
C ALA A 457 31.10 -5.47 -17.06
N HIS A 458 31.36 -5.79 -15.78
CA HIS A 458 32.28 -6.87 -15.34
C HIS A 458 31.83 -8.22 -15.92
N TYR A 459 30.52 -8.53 -15.85
CA TYR A 459 29.95 -9.80 -16.37
C TYR A 459 29.91 -9.74 -17.90
N ARG A 460 29.77 -8.55 -18.50
CA ARG A 460 29.88 -8.35 -19.98
C ARG A 460 31.31 -8.64 -20.43
N ARG A 461 32.32 -8.19 -19.69
CA ARG A 461 33.77 -8.41 -20.01
C ARG A 461 34.10 -9.89 -19.75
N SER A 462 33.49 -10.50 -18.73
CA SER A 462 33.71 -11.92 -18.32
C SER A 462 32.93 -12.90 -19.21
N GLY A 463 32.23 -12.41 -20.25
CA GLY A 463 31.65 -13.24 -21.33
C GLY A 463 30.13 -13.14 -21.43
N PHE A 464 29.44 -12.70 -20.38
CA PHE A 464 27.95 -12.66 -20.28
C PHE A 464 27.42 -11.41 -21.00
N ASP A 465 27.35 -11.45 -22.33
CA ASP A 465 26.92 -10.31 -23.19
C ASP A 465 25.56 -9.76 -22.72
N GLN A 466 24.61 -10.65 -22.38
CA GLN A 466 23.20 -10.28 -22.02
C GLN A 466 23.07 -10.18 -20.49
N GLY A 467 22.25 -9.23 -20.02
CA GLY A 467 22.05 -8.96 -18.58
C GLY A 467 20.84 -8.09 -18.28
N ILE A 468 20.15 -8.36 -17.16
CA ILE A 468 19.03 -7.51 -16.64
C ILE A 468 19.26 -7.24 -15.14
N HIS A 469 19.17 -5.97 -14.74
CA HIS A 469 19.11 -5.51 -13.34
C HIS A 469 17.64 -5.20 -12.99
N GLY A 470 16.90 -6.22 -12.55
CA GLY A 470 15.46 -6.15 -12.26
C GLY A 470 15.10 -6.47 -10.82
N GLU A 471 16.05 -6.96 -10.01
CA GLU A 471 15.78 -7.48 -8.63
C GLU A 471 14.62 -8.47 -8.73
N GLY A 472 13.57 -8.33 -7.90
CA GLY A 472 12.48 -9.30 -7.77
C GLY A 472 11.54 -9.31 -8.97
N SER A 473 11.55 -8.25 -9.80
CA SER A 473 10.61 -8.08 -10.93
C SER A 473 10.87 -9.13 -12.02
N THR A 474 12.13 -9.51 -12.26
CA THR A 474 12.51 -10.48 -13.32
C THR A 474 11.80 -11.82 -13.08
N PHE A 475 11.97 -12.43 -11.90
CA PHE A 475 11.34 -13.75 -11.58
C PHE A 475 9.83 -13.57 -11.38
N SER A 476 9.39 -12.45 -10.80
CA SER A 476 7.96 -12.12 -10.58
C SER A 476 7.22 -12.08 -11.93
N THR A 477 7.79 -11.41 -12.94
CA THR A 477 7.23 -11.33 -14.32
C THR A 477 7.17 -12.72 -14.95
N LEU A 478 8.27 -13.47 -14.91
CA LEU A 478 8.35 -14.85 -15.48
C LEU A 478 7.31 -15.74 -14.80
N TYR A 479 7.21 -15.66 -13.47
CA TYR A 479 6.18 -16.36 -12.65
C TYR A 479 4.79 -15.97 -13.17
N GLY A 480 4.55 -14.66 -13.33
CA GLY A 480 3.29 -14.12 -13.88
C GLY A 480 3.00 -14.63 -15.28
N LEU A 481 4.02 -14.70 -16.13
CA LEU A 481 3.90 -15.05 -17.58
C LEU A 481 3.66 -16.56 -17.74
N LEU A 482 4.25 -17.40 -16.90
CA LEU A 482 4.12 -18.89 -17.00
C LEU A 482 2.83 -19.38 -16.33
N LEU A 483 2.28 -18.69 -15.33
CA LEU A 483 1.11 -19.17 -14.52
C LEU A 483 -0.07 -18.17 -14.59
N TRP A 484 -0.12 -17.31 -15.61
CA TRP A 484 -1.19 -16.28 -15.76
C TRP A 484 -2.57 -16.93 -15.61
N ASP A 485 -2.82 -18.01 -16.36
CA ASP A 485 -4.17 -18.63 -16.49
C ASP A 485 -4.61 -19.26 -15.16
N ILE A 486 -3.67 -19.75 -14.34
CA ILE A 486 -3.93 -20.26 -12.95
C ILE A 486 -4.13 -19.07 -12.01
N ILE A 487 -3.33 -18.00 -12.14
CA ILE A 487 -3.45 -16.77 -11.31
C ILE A 487 -4.88 -16.22 -11.45
N PHE A 488 -5.40 -16.17 -12.68
CA PHE A 488 -6.73 -15.59 -13.03
C PHE A 488 -7.74 -16.69 -13.38
N MET A 489 -7.59 -17.90 -12.85
CA MET A 489 -8.48 -19.07 -13.12
C MET A 489 -9.78 -18.91 -12.33
N ASP A 490 -10.87 -19.46 -12.90
CA ASP A 490 -12.23 -19.48 -12.30
C ASP A 490 -12.29 -20.48 -11.15
N GLY A 491 -13.29 -20.35 -10.30
CA GLY A 491 -13.73 -21.38 -9.33
C GLY A 491 -12.99 -21.29 -8.00
N ILE A 492 -12.66 -20.07 -7.54
CA ILE A 492 -12.28 -19.78 -6.14
C ILE A 492 -13.15 -18.60 -5.69
N PRO A 493 -14.15 -18.81 -4.81
CA PRO A 493 -15.06 -17.73 -4.42
C PRO A 493 -14.35 -16.63 -3.59
N ASP A 494 -14.76 -15.37 -3.82
CA ASP A 494 -14.42 -14.14 -3.04
C ASP A 494 -13.07 -13.54 -3.44
N VAL A 495 -12.33 -14.14 -4.40
CA VAL A 495 -10.96 -13.69 -4.78
C VAL A 495 -11.04 -12.62 -5.87
N PHE A 496 -12.07 -12.68 -6.73
CA PHE A 496 -12.39 -11.65 -7.75
C PHE A 496 -13.75 -11.03 -7.43
N ARG A 497 -13.75 -9.80 -6.91
CA ARG A 497 -14.94 -9.11 -6.36
C ARG A 497 -15.39 -7.95 -7.27
N ASN A 498 -14.49 -7.36 -8.07
CA ASN A 498 -14.80 -6.21 -8.96
C ASN A 498 -13.89 -6.25 -10.18
N ALA A 499 -14.13 -5.38 -11.16
CA ALA A 499 -13.58 -5.49 -12.54
C ALA A 499 -12.17 -4.88 -12.66
N CYS A 500 -11.65 -4.20 -11.62
CA CYS A 500 -10.33 -3.50 -11.64
C CYS A 500 -9.39 -4.09 -10.58
N GLN A 501 -9.16 -5.40 -10.65
CA GLN A 501 -8.15 -6.11 -9.80
C GLN A 501 -6.97 -6.50 -10.69
N ALA A 502 -5.76 -6.32 -10.18
CA ALA A 502 -4.48 -6.74 -10.82
C ALA A 502 -4.01 -8.09 -10.23
N PHE A 503 -4.82 -8.69 -9.35
CA PHE A 503 -4.49 -9.95 -8.62
C PHE A 503 -5.73 -10.53 -7.94
N PRO A 504 -5.79 -11.86 -7.73
CA PRO A 504 -6.81 -12.44 -6.87
C PRO A 504 -6.46 -12.07 -5.43
N LEU A 505 -7.46 -11.74 -4.62
CA LEU A 505 -7.28 -11.14 -3.26
C LEU A 505 -6.53 -12.09 -2.31
N ASP A 506 -6.36 -13.37 -2.66
CA ASP A 506 -5.70 -14.40 -1.83
C ASP A 506 -4.22 -14.59 -2.22
N LEU A 507 -3.74 -13.94 -3.29
CA LEU A 507 -2.39 -14.18 -3.90
C LEU A 507 -1.30 -14.13 -2.82
N CYS A 508 -1.34 -13.15 -1.92
CA CYS A 508 -0.35 -12.93 -0.82
C CYS A 508 -0.83 -13.62 0.47
N THR A 509 -1.48 -14.78 0.34
CA THR A 509 -1.98 -15.63 1.46
C THR A 509 -1.58 -17.08 1.18
N ASP A 510 -1.57 -17.91 2.23
CA ASP A 510 -1.40 -19.38 2.14
C ASP A 510 -2.56 -19.98 1.32
N SER A 511 -3.74 -19.35 1.32
CA SER A 511 -4.97 -19.78 0.59
C SER A 511 -4.67 -19.97 -0.90
N PHE A 512 -3.81 -19.13 -1.48
CA PHE A 512 -3.61 -19.06 -2.96
C PHE A 512 -3.20 -20.43 -3.52
N PHE A 513 -2.20 -21.07 -2.91
CA PHE A 513 -1.67 -22.38 -3.35
C PHE A 513 -2.69 -23.49 -3.00
N THR A 514 -3.22 -23.49 -1.77
CA THR A 514 -4.12 -24.55 -1.26
C THR A 514 -5.42 -24.56 -2.08
N SER A 515 -5.98 -23.38 -2.36
CA SER A 515 -7.21 -23.19 -3.17
C SER A 515 -7.00 -23.67 -4.63
N ARG A 516 -5.75 -23.70 -5.12
CA ARG A 516 -5.41 -24.06 -6.53
C ARG A 516 -4.41 -25.23 -6.56
N ARG A 517 -4.42 -26.10 -5.53
CA ARG A 517 -3.37 -27.12 -5.25
C ARG A 517 -3.19 -28.06 -6.43
N PRO A 518 -4.23 -28.75 -6.96
CA PRO A 518 -4.03 -29.71 -8.05
C PRO A 518 -3.60 -29.07 -9.38
N ALA A 519 -4.09 -27.86 -9.67
CA ALA A 519 -3.78 -27.11 -10.92
C ALA A 519 -2.32 -26.63 -10.91
N LEU A 520 -1.85 -26.11 -9.78
CA LEU A 520 -0.47 -25.57 -9.63
C LEU A 520 0.54 -26.72 -9.71
N GLU A 521 0.32 -27.82 -8.96
CA GLU A 521 1.18 -29.03 -8.95
C GLU A 521 1.34 -29.59 -10.38
N ALA A 522 0.25 -29.61 -11.15
CA ALA A 522 0.22 -30.06 -12.57
C ALA A 522 1.10 -29.18 -13.45
N ARG A 523 0.98 -27.85 -13.30
CA ARG A 523 1.76 -26.85 -14.09
C ARG A 523 3.22 -26.83 -13.60
N LEU A 524 3.44 -26.83 -12.29
CA LEU A 524 4.80 -26.79 -11.67
C LEU A 524 5.62 -27.98 -12.18
N GLN A 525 5.03 -29.18 -12.18
CA GLN A 525 5.66 -30.42 -12.71
C GLN A 525 5.89 -30.27 -14.23
N LEU A 526 4.88 -29.81 -14.97
CA LEU A 526 4.99 -29.58 -16.45
C LEU A 526 6.18 -28.67 -16.74
N ILE A 527 6.31 -27.57 -15.99
CA ILE A 527 7.42 -26.57 -16.13
C ILE A 527 8.76 -27.25 -15.81
N HIS A 528 8.81 -28.11 -14.78
CA HIS A 528 10.05 -28.84 -14.36
C HIS A 528 10.57 -29.70 -15.51
N ASP A 529 9.66 -30.36 -16.25
CA ASP A 529 9.99 -31.31 -17.35
C ASP A 529 9.90 -30.62 -18.72
N ALA A 530 9.97 -29.28 -18.77
CA ALA A 530 9.66 -28.48 -19.98
C ALA A 530 10.91 -28.37 -20.86
N PRO A 531 10.84 -28.75 -22.16
CA PRO A 531 11.89 -28.38 -23.12
C PRO A 531 11.74 -26.90 -23.48
N GLU A 532 12.84 -26.25 -23.86
CA GLU A 532 12.90 -24.79 -24.17
C GLU A 532 11.74 -24.39 -25.11
N GLU A 533 11.34 -25.28 -26.04
CA GLU A 533 10.22 -25.07 -27.00
C GLU A 533 8.90 -24.81 -26.24
N SER A 534 8.66 -25.54 -25.14
CA SER A 534 7.46 -25.40 -24.28
C SER A 534 7.48 -24.08 -23.52
N LEU A 535 8.62 -23.75 -22.90
CA LEU A 535 8.83 -22.53 -22.08
C LEU A 535 8.64 -21.30 -22.96
N ARG A 536 9.34 -21.25 -24.10
CA ARG A 536 9.24 -20.13 -25.09
C ARG A 536 7.78 -19.93 -25.52
N ALA A 537 7.02 -21.03 -25.69
CA ALA A 537 5.63 -21.04 -26.19
C ALA A 537 4.66 -20.52 -25.11
N TRP A 538 4.84 -20.93 -23.85
CA TRP A 538 4.01 -20.48 -22.70
C TRP A 538 4.16 -18.97 -22.48
N VAL A 539 5.40 -18.49 -22.42
CA VAL A 539 5.76 -17.04 -22.28
C VAL A 539 5.14 -16.25 -23.45
N ALA A 540 5.23 -16.78 -24.68
CA ALA A 540 4.67 -16.17 -25.91
C ALA A 540 3.15 -16.07 -25.81
N ALA A 541 2.48 -17.12 -25.32
CA ALA A 541 1.01 -17.22 -25.23
C ALA A 541 0.47 -16.09 -24.35
N THR A 542 1.00 -15.96 -23.14
CA THR A 542 0.59 -14.94 -22.14
C THR A 542 0.95 -13.54 -22.67
N TRP A 543 2.15 -13.37 -23.23
CA TRP A 543 2.61 -12.08 -23.82
C TRP A 543 1.58 -11.58 -24.85
N HIS A 544 1.31 -12.35 -25.91
CA HIS A 544 0.48 -11.92 -27.06
C HIS A 544 -0.98 -11.71 -26.64
N GLU A 545 -1.47 -12.47 -25.66
CA GLU A 545 -2.88 -12.40 -25.17
C GLU A 545 -3.05 -11.26 -24.15
N GLN A 546 -2.05 -11.00 -23.30
CA GLN A 546 -2.20 -10.17 -22.07
C GLN A 546 -1.34 -8.89 -22.11
N GLU A 547 -0.47 -8.67 -23.11
CA GLU A 547 0.49 -7.52 -23.12
C GLU A 547 -0.26 -6.23 -22.76
N GLY A 548 0.27 -5.46 -21.80
CA GLY A 548 -0.31 -4.20 -21.29
C GLY A 548 -1.27 -4.38 -20.12
N ARG A 549 -1.91 -5.54 -19.98
CA ARG A 549 -2.91 -5.82 -18.91
C ARG A 549 -2.25 -5.64 -17.53
N VAL A 550 -2.87 -4.87 -16.64
CA VAL A 550 -2.28 -4.50 -15.32
C VAL A 550 -2.36 -5.73 -14.39
N ALA A 551 -1.26 -6.47 -14.25
CA ALA A 551 -1.10 -7.60 -13.31
C ALA A 551 0.04 -7.28 -12.34
N SER A 552 -0.24 -7.34 -11.03
CA SER A 552 0.70 -6.96 -9.93
C SER A 552 2.06 -7.64 -10.10
N LEU A 553 2.10 -8.87 -10.61
CA LEU A 553 3.33 -9.70 -10.74
C LEU A 553 4.15 -9.32 -11.98
N VAL A 554 3.53 -8.72 -13.01
CA VAL A 554 4.10 -8.59 -14.38
C VAL A 554 4.41 -7.12 -14.71
N SER A 555 5.67 -6.73 -14.56
CA SER A 555 6.29 -5.54 -15.23
C SER A 555 6.50 -5.84 -16.72
N TRP A 556 5.64 -5.31 -17.59
CA TRP A 556 5.70 -5.52 -19.06
C TRP A 556 6.98 -4.91 -19.67
N ASP A 557 7.48 -3.81 -19.09
CA ASP A 557 8.68 -3.06 -19.57
C ASP A 557 9.98 -3.72 -19.07
N ARG A 558 9.90 -4.72 -18.17
CA ARG A 558 11.07 -5.43 -17.57
C ARG A 558 11.96 -6.01 -18.67
N PHE A 559 11.36 -6.74 -19.60
CA PHE A 559 12.05 -7.37 -20.77
C PHE A 559 11.98 -6.38 -21.94
N THR A 560 13.14 -6.18 -22.60
CA THR A 560 13.31 -5.25 -23.75
C THR A 560 12.38 -5.70 -24.90
N SER A 561 12.18 -7.01 -25.02
CA SER A 561 11.24 -7.66 -25.98
C SER A 561 10.82 -9.04 -25.46
N LEU A 562 9.71 -9.56 -25.99
CA LEU A 562 9.27 -10.98 -25.82
C LEU A 562 10.45 -11.93 -26.07
N GLN A 563 11.27 -11.67 -27.10
CA GLN A 563 12.44 -12.53 -27.48
C GLN A 563 13.37 -12.68 -26.27
N GLN A 564 13.63 -11.59 -25.55
CA GLN A 564 14.56 -11.59 -24.37
C GLN A 564 13.99 -12.47 -23.25
N ALA A 565 12.68 -12.41 -23.01
CA ALA A 565 11.96 -13.27 -22.03
C ALA A 565 12.14 -14.74 -22.44
N GLN A 566 11.86 -15.07 -23.70
CA GLN A 566 12.03 -16.41 -24.30
C GLN A 566 13.49 -16.88 -24.16
N ASP A 567 14.46 -16.03 -24.51
CA ASP A 567 15.91 -16.33 -24.44
C ASP A 567 16.28 -16.67 -22.99
N LEU A 568 15.70 -15.98 -22.00
CA LEU A 568 16.10 -16.11 -20.58
C LEU A 568 15.56 -17.40 -19.98
N VAL A 569 14.26 -17.68 -20.15
CA VAL A 569 13.61 -18.94 -19.64
C VAL A 569 14.34 -20.14 -20.25
N SER A 570 14.77 -20.02 -21.51
CA SER A 570 15.55 -21.05 -22.23
C SER A 570 16.88 -21.33 -21.51
N CYS A 571 17.59 -20.31 -21.04
CA CYS A 571 18.87 -20.43 -20.29
C CYS A 571 18.63 -20.90 -18.85
N LEU A 572 17.56 -20.41 -18.20
CA LEU A 572 17.21 -20.73 -16.79
C LEU A 572 16.84 -22.22 -16.69
N GLY A 573 15.93 -22.66 -17.55
CA GLY A 573 15.50 -24.07 -17.66
C GLY A 573 14.36 -24.40 -16.72
N GLY A 574 13.72 -25.55 -16.96
CA GLY A 574 12.49 -26.01 -16.27
C GLY A 574 12.66 -26.13 -14.76
N PRO A 575 13.62 -26.95 -14.26
CA PRO A 575 13.81 -27.13 -12.82
C PRO A 575 13.96 -25.84 -12.00
N VAL A 576 14.72 -24.87 -12.50
CA VAL A 576 14.98 -23.56 -11.82
C VAL A 576 13.67 -22.78 -11.76
N LEU A 577 13.05 -22.51 -12.92
CA LEU A 577 11.78 -21.76 -13.06
C LEU A 577 10.68 -22.39 -12.19
N SER A 578 10.57 -23.72 -12.22
CA SER A 578 9.57 -24.52 -11.46
C SER A 578 9.69 -24.20 -9.96
N GLY A 579 10.90 -24.28 -9.41
CA GLY A 579 11.20 -24.07 -7.98
C GLY A 579 10.92 -22.64 -7.53
N VAL A 580 11.35 -21.66 -8.35
CA VAL A 580 11.09 -20.20 -8.12
C VAL A 580 9.57 -20.02 -8.10
N CYS A 581 8.86 -20.49 -9.13
CA CYS A 581 7.38 -20.34 -9.26
C CYS A 581 6.66 -21.03 -8.08
N ARG A 582 7.16 -22.18 -7.62
CA ARG A 582 6.59 -22.93 -6.46
C ARG A 582 6.67 -22.05 -5.21
N HIS A 583 7.82 -21.43 -4.97
CA HIS A 583 8.09 -20.57 -3.79
C HIS A 583 7.17 -19.35 -3.84
N LEU A 584 7.16 -18.65 -4.96
CA LEU A 584 6.37 -17.40 -5.16
C LEU A 584 4.87 -17.72 -5.06
N ALA A 585 4.42 -18.85 -5.58
CA ALA A 585 3.01 -19.31 -5.50
C ALA A 585 2.70 -19.75 -4.06
N ALA A 586 3.57 -20.57 -3.46
CA ALA A 586 3.41 -21.12 -2.09
C ALA A 586 3.27 -19.99 -1.05
N ASP A 587 4.12 -18.96 -1.12
CA ASP A 587 4.21 -17.91 -0.07
C ASP A 587 4.83 -16.63 -0.64
N PHE A 588 4.11 -15.93 -1.51
CA PHE A 588 4.53 -14.63 -2.11
C PHE A 588 4.80 -13.61 -0.99
N ARG A 589 3.97 -13.59 0.05
CA ARG A 589 4.06 -12.63 1.20
C ARG A 589 5.48 -12.61 1.79
N HIS A 590 6.14 -13.77 1.92
CA HIS A 590 7.46 -13.91 2.58
C HIS A 590 8.58 -14.26 1.60
N CYS A 591 8.27 -14.54 0.33
CA CYS A 591 9.26 -14.88 -0.74
C CYS A 591 9.32 -13.80 -1.83
N ARG A 592 8.49 -12.75 -1.76
CA ARG A 592 8.48 -11.65 -2.75
C ARG A 592 9.84 -10.94 -2.73
N GLY A 593 10.39 -10.74 -1.52
CA GLY A 593 11.62 -9.95 -1.28
C GLY A 593 12.87 -10.81 -1.23
N GLY A 594 14.01 -10.25 -1.62
CA GLY A 594 15.35 -10.83 -1.40
C GLY A 594 15.89 -11.59 -2.60
N LEU A 595 15.19 -11.57 -3.73
CA LEU A 595 15.72 -12.14 -5.00
C LEU A 595 16.93 -11.32 -5.45
N PRO A 596 17.96 -11.94 -6.07
CA PRO A 596 19.20 -11.23 -6.38
C PRO A 596 19.02 -10.12 -7.42
N ASP A 597 19.81 -9.05 -7.30
CA ASP A 597 19.77 -7.83 -8.16
C ASP A 597 19.80 -8.22 -9.64
N LEU A 598 20.76 -9.06 -10.02
CA LEU A 598 21.16 -9.28 -11.43
C LEU A 598 20.85 -10.73 -11.85
N VAL A 599 20.42 -10.88 -13.11
CA VAL A 599 20.58 -12.11 -13.94
C VAL A 599 21.54 -11.73 -15.08
N VAL A 600 22.67 -12.42 -15.19
CA VAL A 600 23.61 -12.30 -16.35
C VAL A 600 23.67 -13.65 -17.05
N TRP A 601 23.65 -13.67 -18.40
CA TRP A 601 23.74 -14.92 -19.20
C TRP A 601 24.49 -14.68 -20.52
N ASN A 602 25.16 -15.74 -21.00
CA ASN A 602 25.92 -15.79 -22.27
C ASN A 602 24.98 -16.28 -23.37
N SER A 603 24.83 -15.51 -24.44
CA SER A 603 23.79 -15.71 -25.50
C SER A 603 24.15 -16.90 -26.40
N GLN A 604 25.39 -17.39 -26.37
CA GLN A 604 25.85 -18.57 -27.16
C GLN A 604 25.78 -19.83 -26.28
N SER A 605 26.53 -19.86 -25.17
CA SER A 605 26.71 -21.03 -24.27
C SER A 605 25.44 -21.32 -23.46
N ARG A 606 24.67 -20.27 -23.10
CA ARG A 606 23.50 -20.32 -22.17
C ARG A 606 23.95 -20.66 -20.75
N HIS A 607 25.19 -20.33 -20.39
CA HIS A 607 25.67 -20.21 -18.99
C HIS A 607 25.09 -18.91 -18.40
N PHE A 608 24.46 -18.97 -17.21
CA PHE A 608 23.88 -17.79 -16.52
C PHE A 608 24.32 -17.78 -15.04
N LYS A 609 24.52 -16.57 -14.50
CA LYS A 609 24.68 -16.31 -13.04
C LYS A 609 23.52 -15.43 -12.56
N LEU A 610 22.99 -15.73 -11.37
CA LEU A 610 22.12 -14.82 -10.57
C LEU A 610 23.02 -14.15 -9.52
N VAL A 611 23.12 -12.82 -9.57
CA VAL A 611 24.13 -12.04 -8.79
C VAL A 611 23.41 -11.02 -7.90
N GLU A 612 23.74 -10.99 -6.60
CA GLU A 612 23.37 -9.90 -5.67
C GLU A 612 24.56 -8.95 -5.52
N VAL A 613 24.48 -7.79 -6.16
CA VAL A 613 25.48 -6.70 -6.08
C VAL A 613 25.41 -6.08 -4.69
N LYS A 614 26.58 -5.88 -4.05
CA LYS A 614 26.73 -5.15 -2.76
C LYS A 614 27.78 -4.04 -2.90
N GLY A 615 27.40 -2.80 -2.59
CA GLY A 615 28.31 -1.66 -2.43
C GLY A 615 29.22 -1.81 -1.21
N PRO A 616 30.00 -0.78 -0.83
CA PRO A 616 30.99 -0.90 0.24
C PRO A 616 30.39 -1.27 1.61
N ASN A 617 29.27 -0.64 1.97
CA ASN A 617 28.62 -0.78 3.30
C ASN A 617 27.18 -1.26 3.12
N ASP A 618 27.02 -2.57 2.86
CA ASP A 618 25.72 -3.29 2.95
C ASP A 618 25.99 -4.80 2.89
N ARG A 619 25.47 -5.54 3.88
CA ARG A 619 25.61 -7.01 4.02
C ARG A 619 24.40 -7.69 3.36
N LEU A 620 24.42 -9.02 3.28
CA LEU A 620 23.23 -9.83 2.90
C LEU A 620 22.16 -9.64 3.98
N SER A 621 20.95 -9.24 3.57
CA SER A 621 19.71 -9.38 4.37
C SER A 621 19.41 -10.88 4.51
N HIS A 622 18.63 -11.26 5.52
CA HIS A 622 18.21 -12.67 5.75
C HIS A 622 17.50 -13.20 4.49
N LYS A 623 16.60 -12.41 3.89
CA LYS A 623 15.77 -12.81 2.72
C LYS A 623 16.66 -13.00 1.49
N GLN A 624 17.75 -12.24 1.38
CA GLN A 624 18.70 -12.34 0.24
C GLN A 624 19.52 -13.63 0.35
N MET A 625 20.06 -13.95 1.52
CA MET A 625 20.93 -15.14 1.70
C MET A 625 20.10 -16.43 1.57
N ILE A 626 18.84 -16.45 2.03
CA ILE A 626 17.92 -17.61 1.88
C ILE A 626 17.63 -17.84 0.39
N TRP A 627 17.37 -16.78 -0.38
CA TRP A 627 17.11 -16.88 -1.85
C TRP A 627 18.36 -17.40 -2.59
N LEU A 628 19.56 -16.96 -2.21
CA LEU A 628 20.83 -17.41 -2.85
C LEU A 628 20.96 -18.93 -2.64
N ALA A 629 20.89 -19.38 -1.39
CA ALA A 629 20.94 -20.80 -0.99
C ALA A 629 19.94 -21.61 -1.81
N GLU A 630 18.69 -21.13 -1.87
CA GLU A 630 17.53 -21.87 -2.45
C GLU A 630 17.67 -21.93 -3.99
N LEU A 631 18.21 -20.88 -4.61
CA LEU A 631 18.53 -20.87 -6.07
C LEU A 631 19.71 -21.79 -6.37
N GLN A 632 20.63 -21.96 -5.41
CA GLN A 632 21.80 -22.88 -5.50
C GLN A 632 21.30 -24.34 -5.46
N LYS A 633 20.40 -24.66 -4.53
CA LYS A 633 19.74 -26.00 -4.40
C LYS A 633 19.08 -26.41 -5.73
N LEU A 634 18.41 -25.48 -6.42
CA LEU A 634 17.77 -25.73 -7.75
C LEU A 634 18.83 -25.89 -8.85
N GLY A 635 20.09 -25.51 -8.57
CA GLY A 635 21.27 -25.86 -9.39
C GLY A 635 21.66 -24.74 -10.34
N ALA A 636 21.41 -23.48 -9.97
CA ALA A 636 21.86 -22.26 -10.69
C ALA A 636 23.06 -21.69 -9.94
N GLU A 637 24.06 -21.18 -10.68
CA GLU A 637 25.25 -20.51 -10.10
C GLU A 637 24.82 -19.15 -9.55
N VAL A 638 25.03 -18.94 -8.25
CA VAL A 638 24.68 -17.67 -7.54
C VAL A 638 25.98 -17.06 -7.00
N GLU A 639 26.06 -15.73 -7.00
CA GLU A 639 27.30 -14.96 -6.69
C GLU A 639 26.94 -13.64 -5.99
N VAL A 640 27.72 -13.24 -4.99
CA VAL A 640 27.66 -11.88 -4.36
C VAL A 640 28.83 -11.05 -4.93
N CYS A 641 28.53 -10.18 -5.90
CA CYS A 641 29.52 -9.27 -6.56
C CYS A 641 29.70 -8.01 -5.71
N HIS A 642 30.72 -8.01 -4.84
CA HIS A 642 31.12 -6.83 -4.00
C HIS A 642 31.78 -5.76 -4.87
N VAL A 643 31.73 -4.51 -4.40
CA VAL A 643 32.33 -3.32 -5.08
C VAL A 643 33.07 -2.48 -4.02
N VAL A 644 34.25 -1.97 -4.38
CA VAL A 644 35.18 -1.21 -3.49
C VAL A 644 35.72 0.01 -4.26
N ALA A 645 36.09 1.08 -3.55
CA ALA A 645 36.67 2.33 -4.11
C ALA A 645 38.11 2.08 -4.55
CA CA E . 22.17 -4.85 -4.00
CA CA F . 16.92 -11.52 -10.37
CL CL G . 9.14 5.24 2.91
#